data_2AZC
#
_entry.id   2AZC
#
_cell.length_a   100.242
_cell.length_b   100.242
_cell.length_c   97.119
_cell.angle_alpha   90.00
_cell.angle_beta   90.00
_cell.angle_gamma   90.00
#
_symmetry.space_group_name_H-M   'I 41 2 2'
#
loop_
_entity.id
_entity.type
_entity.pdbx_description
1 polymer 'PROTEASE RETROPEPSIN'
2 non-polymer 'benzyl [(1S,4S,7S,8R,9R,10S,13S,16S)-7,10-dibenzyl-8,9-dihydroxy-1,16-dimethyl-4,13-bis(1-methylethyl)-2,5,12,15,18-pentaoxo-20-phenyl-19-oxa-3,6,11,14,17-pentaazaicos-1-yl]carbamate'
3 water water
#
_entity_poly.entity_id   1
_entity_poly.type   'polypeptide(L)'
_entity_poly.pdbx_seq_one_letter_code
;PQITLWKRPLVTIKIGGQLKEALIDTGADDTVLEEMNLPGRWKPKIIGGIGGLIKVRQYDQIPIEICGHKAIGTVLIGPT
PANIIGRNLLTQIGCTLNF
;
_entity_poly.pdbx_strand_id   A,B
#
loop_
_chem_comp.id
_chem_comp.type
_chem_comp.name
_chem_comp.formula
3TL peptide-like 'benzyl [(1S,4S,7S,8R,9R,10S,13S,16S)-7,10-dibenzyl-8,9-dihydroxy-1,16-dimethyl-4,13-bis(1-methylethyl)-2,5,12,15,18-pentaoxo-20-phenyl-19-oxa-3,6,11,14,17-pentaazaicos-1-yl]carbamate' 'C50 H64 N6 O10'
#
# COMPACT_ATOMS: atom_id res chain seq x y z
N PRO A 1 -10.93 14.39 -2.50
CA PRO A 1 -10.94 14.67 -3.95
C PRO A 1 -10.62 13.39 -4.72
N GLN A 2 -10.01 13.56 -5.89
CA GLN A 2 -9.62 12.44 -6.73
C GLN A 2 -8.11 12.50 -6.90
N ILE A 3 -7.44 11.44 -6.49
CA ILE A 3 -6.01 11.39 -6.58
C ILE A 3 -5.60 10.31 -7.55
N THR A 4 -4.71 10.66 -8.46
CA THR A 4 -4.20 9.74 -9.45
C THR A 4 -2.96 9.12 -8.84
N LEU A 5 -2.39 8.13 -9.50
CA LEU A 5 -1.23 7.46 -8.94
C LEU A 5 0.05 7.58 -9.75
N TRP A 6 0.16 8.62 -10.57
CA TRP A 6 1.38 8.80 -11.35
C TRP A 6 2.52 8.98 -10.38
N LYS A 7 2.22 9.61 -9.25
CA LYS A 7 3.22 9.79 -8.20
C LYS A 7 2.64 9.27 -6.88
N ARG A 8 3.49 9.13 -5.87
CA ARG A 8 3.04 8.64 -4.57
C ARG A 8 1.91 9.51 -4.07
N PRO A 9 0.84 8.87 -3.57
CA PRO A 9 -0.34 9.59 -3.05
C PRO A 9 -0.12 10.21 -1.66
N LEU A 10 0.75 11.22 -1.61
CA LEU A 10 1.06 11.93 -0.38
C LEU A 10 0.13 13.09 -0.13
N VAL A 11 -0.51 13.09 1.02
CA VAL A 11 -1.43 14.18 1.34
C VAL A 11 -1.07 14.76 2.67
N THR A 12 -1.67 15.90 2.97
CA THR A 12 -1.41 16.53 4.25
C THR A 12 -2.36 15.97 5.30
N ILE A 13 -1.84 15.80 6.50
CA ILE A 13 -2.64 15.31 7.59
C ILE A 13 -2.21 16.18 8.75
N LYS A 14 -3.03 16.23 9.80
N LYS A 14 -3.03 16.21 9.80
CA LYS A 14 -2.69 17.01 10.98
CA LYS A 14 -2.73 16.99 10.99
C LYS A 14 -2.96 16.14 12.21
C LYS A 14 -2.97 16.11 12.20
N ILE A 15 -1.99 16.08 13.10
CA ILE A 15 -2.10 15.28 14.30
C ILE A 15 -1.48 16.14 15.35
N GLY A 16 -2.22 16.35 16.44
CA GLY A 16 -1.75 17.27 17.46
C GLY A 16 -1.92 18.58 16.71
N GLY A 17 -1.04 19.55 16.94
CA GLY A 17 -1.17 20.79 16.20
C GLY A 17 -0.10 20.76 15.12
N GLN A 18 0.25 19.58 14.63
CA GLN A 18 1.32 19.50 13.63
C GLN A 18 0.93 18.96 12.27
N LEU A 19 1.39 19.69 11.24
CA LEU A 19 1.14 19.33 9.85
C LEU A 19 2.17 18.35 9.41
N LYS A 20 1.71 17.27 8.79
CA LYS A 20 2.63 16.25 8.29
C LYS A 20 2.19 15.78 6.92
N GLU A 21 3.08 15.04 6.27
CA GLU A 21 2.82 14.48 4.95
C GLU A 21 2.62 12.98 5.21
N ALA A 22 1.64 12.37 4.55
CA ALA A 22 1.38 10.93 4.75
C ALA A 22 0.84 10.26 3.48
N LEU A 23 1.18 8.98 3.34
CA LEU A 23 0.80 8.21 2.17
C LEU A 23 -0.54 7.48 2.31
N ILE A 24 -1.45 7.71 1.36
CA ILE A 24 -2.74 7.02 1.35
C ILE A 24 -2.38 5.63 0.84
N ASP A 25 -2.46 4.64 1.73
CA ASP A 25 -2.04 3.29 1.39
C ASP A 25 -3.11 2.19 1.53
N THR A 26 -3.71 1.81 0.39
CA THR A 26 -4.76 0.79 0.38
C THR A 26 -4.19 -0.59 0.70
N GLY A 27 -2.86 -0.70 0.65
CA GLY A 27 -2.20 -1.95 0.97
C GLY A 27 -1.76 -2.07 2.44
N ALA A 28 -2.17 -1.11 3.28
CA ALA A 28 -1.80 -1.11 4.71
C ALA A 28 -3.04 -1.37 5.55
N ASP A 29 -3.06 -2.46 6.32
CA ASP A 29 -4.23 -2.74 7.16
C ASP A 29 -4.32 -1.63 8.20
N ASP A 30 -3.16 -1.30 8.75
CA ASP A 30 -3.07 -0.31 9.81
C ASP A 30 -2.34 0.97 9.45
N THR A 31 -2.51 2.00 10.29
CA THR A 31 -1.87 3.28 10.07
C THR A 31 -0.55 3.28 10.84
N VAL A 32 0.54 3.60 10.13
CA VAL A 32 1.88 3.59 10.74
C VAL A 32 2.55 4.94 10.52
N LEU A 33 2.87 5.63 11.60
CA LEU A 33 3.49 6.95 11.48
C LEU A 33 4.95 6.89 11.93
N GLU A 34 5.75 7.81 11.39
CA GLU A 34 7.16 7.93 11.75
C GLU A 34 7.25 8.31 13.24
N GLU A 35 8.31 7.88 13.91
CA GLU A 35 8.49 8.14 15.33
C GLU A 35 8.12 9.56 15.73
N MET A 36 7.29 9.67 16.77
CA MET A 36 6.82 10.95 17.27
C MET A 36 6.22 10.73 18.66
N ASN A 37 5.96 11.82 19.37
CA ASN A 37 5.39 11.73 20.69
C ASN A 37 3.88 11.75 20.61
N LEU A 38 3.26 10.77 21.27
CA LEU A 38 1.82 10.69 21.32
C LEU A 38 1.45 10.58 22.80
N PRO A 39 0.21 10.96 23.16
CA PRO A 39 -0.28 10.92 24.53
C PRO A 39 -0.86 9.57 24.98
N GLY A 40 -0.82 9.34 26.30
CA GLY A 40 -1.41 8.13 26.85
C GLY A 40 -0.64 6.83 26.76
N ARG A 41 -1.28 5.76 27.22
CA ARG A 41 -0.68 4.42 27.24
C ARG A 41 -0.62 3.77 25.85
N TRP A 42 0.29 2.83 25.68
CA TRP A 42 0.41 2.11 24.41
C TRP A 42 0.56 0.64 24.73
N LYS A 43 0.39 -0.19 23.71
CA LYS A 43 0.58 -1.63 23.87
C LYS A 43 1.44 -2.11 22.68
N PRO A 44 2.09 -3.26 22.83
CA PRO A 44 2.90 -3.70 21.70
C PRO A 44 2.05 -4.35 20.61
N LYS A 45 2.54 -4.30 19.38
CA LYS A 45 1.81 -4.93 18.30
C LYS A 45 2.80 -5.44 17.24
N ILE A 46 2.54 -6.62 16.71
CA ILE A 46 3.42 -7.18 15.70
C ILE A 46 2.76 -6.97 14.35
N ILE A 47 3.50 -6.39 13.42
CA ILE A 47 2.96 -6.20 12.08
C ILE A 47 3.96 -6.78 11.10
N GLY A 48 3.55 -6.94 9.85
CA GLY A 48 4.47 -7.48 8.85
C GLY A 48 4.31 -6.85 7.47
N GLY A 49 5.32 -7.03 6.64
CA GLY A 49 5.30 -6.51 5.29
C GLY A 49 6.23 -7.38 4.50
N ILE A 50 6.63 -6.94 3.30
CA ILE A 50 7.58 -7.79 2.59
C ILE A 50 8.83 -7.54 3.44
N GLY A 51 9.58 -8.59 3.74
CA GLY A 51 10.76 -8.39 4.57
C GLY A 51 10.58 -9.08 5.89
N GLY A 52 9.35 -9.15 6.39
CA GLY A 52 9.11 -9.85 7.64
C GLY A 52 8.22 -9.16 8.65
N LEU A 53 8.21 -9.70 9.87
CA LEU A 53 7.42 -9.13 10.96
C LEU A 53 8.26 -8.12 11.70
N ILE A 54 7.60 -7.35 12.54
CA ILE A 54 8.28 -6.32 13.31
C ILE A 54 7.33 -5.91 14.44
N LYS A 55 7.91 -5.54 15.58
CA LYS A 55 7.12 -5.13 16.73
C LYS A 55 7.17 -3.61 16.74
N VAL A 56 6.02 -2.98 16.91
CA VAL A 56 5.90 -1.52 16.94
C VAL A 56 4.98 -1.10 18.10
N ARG A 57 4.85 0.20 18.31
CA ARG A 57 3.97 0.70 19.37
C ARG A 57 2.59 1.04 18.84
N GLN A 58 1.57 0.60 19.57
CA GLN A 58 0.19 0.84 19.20
C GLN A 58 -0.53 1.81 20.16
N TYR A 59 -1.05 2.90 19.60
CA TYR A 59 -1.81 3.88 20.39
C TYR A 59 -3.25 3.82 19.89
N ASP A 60 -4.23 3.83 20.80
CA ASP A 60 -5.61 3.74 20.35
C ASP A 60 -6.38 5.04 20.47
N GLN A 61 -7.49 5.14 19.74
CA GLN A 61 -8.34 6.32 19.77
C GLN A 61 -7.57 7.63 19.68
N ILE A 62 -6.86 7.82 18.56
CA ILE A 62 -6.07 9.02 18.32
C ILE A 62 -6.76 9.85 17.24
N PRO A 63 -7.10 11.11 17.55
CA PRO A 63 -7.77 11.97 16.57
C PRO A 63 -6.74 12.35 15.52
N ILE A 64 -7.14 12.36 14.28
CA ILE A 64 -6.23 12.70 13.22
C ILE A 64 -7.08 13.27 12.09
N GLU A 65 -6.54 14.21 11.35
CA GLU A 65 -7.25 14.82 10.24
C GLU A 65 -6.46 14.57 8.96
N ILE A 66 -7.17 14.08 7.94
CA ILE A 66 -6.59 13.71 6.65
C ILE A 66 -7.21 14.52 5.54
N CYS A 67 -6.43 15.43 4.94
CA CYS A 67 -6.96 16.27 3.88
C CYS A 67 -8.23 16.97 4.35
N GLY A 68 -8.29 17.37 5.60
CA GLY A 68 -9.49 18.03 6.08
C GLY A 68 -10.63 17.15 6.58
N HIS A 69 -10.40 15.84 6.67
CA HIS A 69 -11.42 14.91 7.16
C HIS A 69 -10.97 14.36 8.49
N LYS A 70 -11.80 14.54 9.51
CA LYS A 70 -11.47 14.06 10.83
C LYS A 70 -11.72 12.56 11.00
N ALA A 71 -10.81 11.88 11.69
CA ALA A 71 -10.93 10.46 11.95
C ALA A 71 -10.37 10.21 13.33
N ILE A 72 -10.67 9.05 13.90
CA ILE A 72 -10.16 8.68 15.23
C ILE A 72 -9.93 7.19 15.12
N GLY A 73 -8.76 6.73 15.52
CA GLY A 73 -8.48 5.32 15.42
C GLY A 73 -7.08 4.98 15.85
N THR A 74 -6.73 3.73 15.65
CA THR A 74 -5.42 3.27 16.04
C THR A 74 -4.34 3.81 15.11
N VAL A 75 -3.23 4.18 15.71
CA VAL A 75 -2.07 4.70 15.04
C VAL A 75 -0.89 3.87 15.56
N LEU A 76 -0.05 3.38 14.66
CA LEU A 76 1.12 2.61 15.09
C LEU A 76 2.35 3.47 14.86
N ILE A 77 3.35 3.31 15.72
CA ILE A 77 4.58 4.07 15.59
C ILE A 77 5.74 3.10 15.42
N GLY A 78 6.58 3.34 14.42
CA GLY A 78 7.71 2.48 14.16
C GLY A 78 8.68 3.12 13.17
N PRO A 79 9.77 2.42 12.82
CA PRO A 79 10.78 2.90 11.87
C PRO A 79 10.41 2.92 10.38
N THR A 80 9.31 3.58 10.05
CA THR A 80 8.86 3.67 8.66
C THR A 80 9.47 4.87 7.92
N PRO A 81 9.77 4.72 6.61
CA PRO A 81 10.35 5.80 5.78
C PRO A 81 9.32 6.90 5.46
N ALA A 82 8.08 6.64 5.83
CA ALA A 82 7.02 7.59 5.58
C ALA A 82 5.80 7.36 6.46
N ASN A 83 5.04 8.43 6.65
CA ASN A 83 3.81 8.33 7.42
C ASN A 83 2.84 7.58 6.51
N ILE A 84 2.22 6.53 7.03
CA ILE A 84 1.29 5.71 6.24
C ILE A 84 -0.12 5.72 6.80
N ILE A 85 -1.08 6.07 5.96
CA ILE A 85 -2.46 6.07 6.38
C ILE A 85 -3.04 4.78 5.87
N GLY A 86 -3.47 3.92 6.78
CA GLY A 86 -4.03 2.63 6.39
C GLY A 86 -5.55 2.57 6.32
N ARG A 87 -6.08 1.39 5.98
CA ARG A 87 -7.53 1.17 5.83
C ARG A 87 -8.37 1.47 7.07
N ASN A 88 -7.80 1.31 8.25
CA ASN A 88 -8.55 1.56 9.48
C ASN A 88 -8.98 3.02 9.57
N LEU A 89 -8.25 3.92 8.91
CA LEU A 89 -8.62 5.33 8.93
C LEU A 89 -9.24 5.72 7.59
N LEU A 90 -8.80 5.06 6.52
CA LEU A 90 -9.33 5.38 5.22
C LEU A 90 -10.85 5.14 5.14
N THR A 91 -11.33 4.06 5.75
CA THR A 91 -12.77 3.79 5.71
C THR A 91 -13.50 4.92 6.41
N GLN A 92 -12.90 5.41 7.48
CA GLN A 92 -13.47 6.50 8.26
C GLN A 92 -13.72 7.79 7.47
N ILE A 93 -12.90 8.05 6.46
CA ILE A 93 -13.12 9.27 5.68
C ILE A 93 -13.78 8.94 4.35
N GLY A 94 -14.27 7.71 4.24
CA GLY A 94 -14.96 7.27 3.03
C GLY A 94 -14.11 7.19 1.78
N CYS A 95 -12.85 6.84 1.95
CA CYS A 95 -11.94 6.75 0.82
C CYS A 95 -12.12 5.44 0.04
N THR A 96 -12.19 5.54 -1.29
CA THR A 96 -12.35 4.35 -2.12
C THR A 96 -11.47 4.34 -3.36
N LEU A 97 -11.33 3.14 -3.93
CA LEU A 97 -10.58 2.90 -5.14
C LEU A 97 -11.60 2.82 -6.27
N ASN A 98 -11.27 3.40 -7.42
CA ASN A 98 -12.19 3.38 -8.54
C ASN A 98 -11.48 3.28 -9.87
N PHE A 99 -12.10 2.57 -10.81
CA PHE A 99 -11.52 2.44 -12.13
C PHE A 99 -12.49 1.73 -13.05
N PRO B 1 -15.10 -0.20 -11.43
CA PRO B 1 -15.84 -0.40 -10.17
C PRO B 1 -15.40 0.57 -9.08
N GLN B 2 -16.05 0.43 -7.93
CA GLN B 2 -15.73 1.23 -6.76
C GLN B 2 -15.49 0.23 -5.65
N ILE B 3 -14.28 0.21 -5.11
CA ILE B 3 -13.91 -0.72 -4.07
C ILE B 3 -13.72 -0.01 -2.71
N THR B 4 -14.49 -0.44 -1.71
CA THR B 4 -14.39 0.12 -0.37
C THR B 4 -13.19 -0.54 0.31
N LEU B 5 -12.76 0.03 1.42
CA LEU B 5 -11.59 -0.50 2.08
C LEU B 5 -11.81 -1.20 3.42
N TRP B 6 -13.06 -1.63 3.67
CA TRP B 6 -13.36 -2.33 4.93
C TRP B 6 -12.56 -3.62 5.02
N LYS B 7 -12.24 -4.20 3.86
CA LYS B 7 -11.40 -5.39 3.83
C LYS B 7 -10.32 -5.14 2.77
N ARG B 8 -9.29 -5.99 2.72
CA ARG B 8 -8.21 -5.85 1.78
C ARG B 8 -8.72 -5.86 0.33
N PRO B 9 -8.28 -4.88 -0.49
CA PRO B 9 -8.72 -4.80 -1.89
C PRO B 9 -8.11 -5.86 -2.81
N LEU B 10 -8.44 -7.13 -2.58
CA LEU B 10 -7.97 -8.22 -3.41
C LEU B 10 -8.80 -8.22 -4.69
N VAL B 11 -8.16 -8.41 -5.83
CA VAL B 11 -8.85 -8.46 -7.13
C VAL B 11 -8.20 -9.54 -7.96
N THR B 12 -8.85 -9.91 -9.05
CA THR B 12 -8.35 -10.94 -9.95
C THR B 12 -7.42 -10.33 -10.98
N ILE B 13 -6.25 -10.96 -11.17
CA ILE B 13 -5.28 -10.51 -12.16
C ILE B 13 -4.91 -11.70 -13.03
N LYS B 14 -4.34 -11.41 -14.20
CA LYS B 14 -3.96 -12.47 -15.10
C LYS B 14 -2.60 -12.17 -15.66
N ILE B 15 -1.69 -13.11 -15.47
CA ILE B 15 -0.35 -12.91 -15.95
C ILE B 15 0.16 -14.28 -16.41
N GLY B 16 0.88 -14.29 -17.52
CA GLY B 16 1.41 -15.56 -18.01
C GLY B 16 0.28 -16.54 -18.29
N GLY B 17 -0.88 -16.01 -18.69
CA GLY B 17 -2.04 -16.83 -18.99
C GLY B 17 -2.60 -17.51 -17.76
N GLN B 18 -2.40 -16.90 -16.60
CA GLN B 18 -2.89 -17.47 -15.36
C GLN B 18 -3.61 -16.42 -14.51
N LEU B 19 -4.75 -16.83 -13.95
CA LEU B 19 -5.53 -15.94 -13.09
C LEU B 19 -5.00 -16.07 -11.67
N LYS B 20 -5.08 -14.98 -10.91
CA LYS B 20 -4.60 -14.97 -9.52
C LYS B 20 -5.23 -13.85 -8.73
N GLU B 21 -5.12 -13.93 -7.42
CA GLU B 21 -5.64 -12.88 -6.56
C GLU B 21 -4.44 -11.99 -6.22
N ALA B 22 -4.64 -10.69 -6.26
CA ALA B 22 -3.56 -9.75 -5.98
C ALA B 22 -4.14 -8.55 -5.27
N LEU B 23 -3.32 -7.90 -4.45
CA LEU B 23 -3.78 -6.72 -3.72
C LEU B 23 -3.54 -5.37 -4.44
N ILE B 24 -4.59 -4.56 -4.54
CA ILE B 24 -4.43 -3.24 -5.13
C ILE B 24 -3.72 -2.43 -4.04
N ASP B 25 -2.44 -2.10 -4.25
CA ASP B 25 -1.62 -1.39 -3.26
C ASP B 25 -1.16 0.02 -3.66
N THR B 26 -1.94 1.04 -3.34
CA THR B 26 -1.56 2.43 -3.66
C THR B 26 -0.27 2.90 -2.97
N GLY B 27 0.18 2.15 -1.96
CA GLY B 27 1.40 2.52 -1.28
C GLY B 27 2.61 1.85 -1.90
N ALA B 28 2.43 1.06 -2.95
CA ALA B 28 3.57 0.39 -3.57
C ALA B 28 4.00 1.05 -4.88
N ASP B 29 5.28 1.35 -5.02
CA ASP B 29 5.78 1.97 -6.24
C ASP B 29 5.78 0.88 -7.30
N ASP B 30 6.18 -0.32 -6.87
CA ASP B 30 6.32 -1.44 -7.76
C ASP B 30 5.23 -2.51 -7.64
N THR B 31 5.29 -3.46 -8.56
CA THR B 31 4.38 -4.59 -8.59
C THR B 31 5.25 -5.80 -8.28
N VAL B 32 4.87 -6.53 -7.25
N VAL B 32 4.90 -6.53 -7.24
CA VAL B 32 5.64 -7.71 -6.85
CA VAL B 32 5.68 -7.71 -6.89
C VAL B 32 4.70 -8.90 -6.73
C VAL B 32 4.73 -8.90 -6.71
N LEU B 33 5.09 -10.03 -7.31
CA LEU B 33 4.27 -11.23 -7.26
C LEU B 33 5.00 -12.43 -6.68
N GLU B 34 4.22 -13.34 -6.12
CA GLU B 34 4.74 -14.56 -5.51
C GLU B 34 5.52 -15.36 -6.55
N GLU B 35 6.47 -16.15 -6.08
CA GLU B 35 7.30 -16.97 -6.96
C GLU B 35 6.43 -17.68 -8.01
N MET B 36 6.79 -17.51 -9.27
CA MET B 36 6.09 -18.12 -10.39
C MET B 36 7.09 -18.21 -11.55
N ASN B 37 6.59 -18.19 -12.78
CA ASN B 37 7.41 -18.27 -14.00
C ASN B 37 7.14 -17.13 -14.98
N LEU B 38 8.20 -16.59 -15.59
CA LEU B 38 8.02 -15.51 -16.56
C LEU B 38 9.06 -15.52 -17.67
N PRO B 39 8.70 -14.94 -18.83
CA PRO B 39 9.53 -14.84 -20.04
C PRO B 39 10.36 -13.57 -20.22
N GLY B 40 11.31 -13.64 -21.14
CA GLY B 40 12.15 -12.51 -21.43
C GLY B 40 13.25 -12.36 -20.39
N ARG B 41 14.10 -11.36 -20.59
CA ARG B 41 15.17 -11.13 -19.65
C ARG B 41 14.65 -10.68 -18.29
N TRP B 42 15.41 -11.02 -17.26
CA TRP B 42 15.11 -10.60 -15.91
C TRP B 42 16.47 -10.33 -15.33
N LYS B 43 16.51 -9.44 -14.35
CA LYS B 43 17.76 -9.13 -13.67
C LYS B 43 17.38 -8.94 -12.22
N PRO B 44 18.29 -9.29 -11.30
CA PRO B 44 18.03 -9.14 -9.86
C PRO B 44 17.69 -7.70 -9.46
N LYS B 45 17.19 -7.54 -8.24
CA LYS B 45 16.82 -6.23 -7.71
C LYS B 45 16.45 -6.42 -6.25
N ILE B 46 16.97 -5.56 -5.38
CA ILE B 46 16.62 -5.67 -3.99
C ILE B 46 15.59 -4.60 -3.73
N ILE B 47 14.56 -4.94 -2.98
CA ILE B 47 13.52 -3.97 -2.68
C ILE B 47 13.16 -4.00 -1.18
N GLY B 48 12.70 -2.86 -0.68
CA GLY B 48 12.37 -2.77 0.73
C GLY B 48 10.91 -2.67 1.06
N GLY B 49 10.57 -3.26 2.21
CA GLY B 49 9.22 -3.29 2.74
C GLY B 49 9.29 -3.02 4.23
N ILE B 50 8.15 -3.12 4.92
CA ILE B 50 8.14 -2.83 6.35
C ILE B 50 8.86 -3.78 7.29
N GLY B 51 9.37 -4.89 6.75
CA GLY B 51 10.06 -5.79 7.65
C GLY B 51 11.50 -5.99 7.25
N GLY B 52 11.95 -5.25 6.25
CA GLY B 52 13.30 -5.39 5.77
C GLY B 52 13.37 -5.52 4.25
N LEU B 53 14.36 -6.25 3.76
CA LEU B 53 14.58 -6.39 2.32
C LEU B 53 14.54 -7.80 1.76
N ILE B 54 14.14 -7.91 0.50
CA ILE B 54 14.12 -9.18 -0.22
C ILE B 54 14.73 -8.95 -1.61
N LYS B 55 15.35 -9.98 -2.16
CA LYS B 55 15.97 -9.91 -3.49
C LYS B 55 14.97 -10.54 -4.44
N VAL B 56 14.65 -9.86 -5.53
CA VAL B 56 13.69 -10.38 -6.51
C VAL B 56 14.23 -10.42 -7.92
N ARG B 57 13.37 -10.84 -8.84
CA ARG B 57 13.69 -10.89 -10.26
C ARG B 57 12.83 -9.87 -10.96
N GLN B 58 13.48 -8.87 -11.58
CA GLN B 58 12.78 -7.82 -12.29
C GLN B 58 12.53 -8.18 -13.76
N TYR B 59 11.26 -8.09 -14.18
CA TYR B 59 10.88 -8.38 -15.55
C TYR B 59 10.26 -7.14 -16.15
N ASP B 60 10.78 -6.70 -17.29
CA ASP B 60 10.25 -5.51 -17.93
C ASP B 60 9.31 -5.80 -19.07
N GLN B 61 8.45 -4.83 -19.36
CA GLN B 61 7.50 -5.00 -20.43
C GLN B 61 6.78 -6.34 -20.35
N ILE B 62 6.08 -6.56 -19.25
CA ILE B 62 5.31 -7.79 -19.07
C ILE B 62 3.87 -7.40 -19.23
N PRO B 63 3.13 -8.12 -20.08
CA PRO B 63 1.72 -7.78 -20.26
C PRO B 63 1.02 -8.43 -19.04
N ILE B 64 0.02 -7.74 -18.51
CA ILE B 64 -0.67 -8.27 -17.36
C ILE B 64 -2.05 -7.68 -17.45
N GLU B 65 -3.02 -8.29 -16.78
CA GLU B 65 -4.37 -7.77 -16.78
C GLU B 65 -4.85 -7.77 -15.34
N ILE B 66 -5.60 -6.73 -15.01
CA ILE B 66 -6.18 -6.54 -13.68
C ILE B 66 -7.66 -6.39 -13.94
N CYS B 67 -8.45 -7.35 -13.47
CA CYS B 67 -9.89 -7.30 -13.69
C CYS B 67 -10.20 -7.17 -15.18
N GLY B 68 -9.36 -7.82 -16.00
CA GLY B 68 -9.55 -7.78 -17.44
C GLY B 68 -9.01 -6.52 -18.10
N HIS B 69 -8.63 -5.53 -17.30
CA HIS B 69 -8.05 -4.28 -17.81
C HIS B 69 -6.59 -4.47 -18.16
N LYS B 70 -6.25 -4.20 -19.41
CA LYS B 70 -4.90 -4.41 -19.89
C LYS B 70 -3.85 -3.41 -19.45
N ALA B 71 -2.67 -3.94 -19.13
CA ALA B 71 -1.55 -3.11 -18.72
C ALA B 71 -0.28 -3.84 -19.11
N ILE B 72 0.79 -3.08 -19.24
CA ILE B 72 2.07 -3.66 -19.59
C ILE B 72 3.13 -2.87 -18.83
N GLY B 73 4.05 -3.58 -18.20
CA GLY B 73 5.06 -2.89 -17.44
C GLY B 73 6.00 -3.81 -16.69
N THR B 74 6.74 -3.25 -15.74
CA THR B 74 7.68 -4.02 -14.95
C THR B 74 6.97 -4.78 -13.84
N VAL B 75 7.42 -6.01 -13.63
CA VAL B 75 6.86 -6.89 -12.63
C VAL B 75 8.02 -7.60 -11.99
N LEU B 76 7.98 -7.66 -10.67
CA LEU B 76 9.01 -8.31 -9.87
C LEU B 76 8.47 -9.61 -9.31
N ILE B 77 9.29 -10.65 -9.36
CA ILE B 77 8.90 -11.97 -8.85
C ILE B 77 9.86 -12.32 -7.72
N GLY B 78 9.29 -12.65 -6.56
CA GLY B 78 10.14 -13.00 -5.43
C GLY B 78 9.31 -13.50 -4.27
N PRO B 79 9.95 -13.83 -3.14
CA PRO B 79 9.28 -14.34 -1.95
C PRO B 79 8.34 -13.39 -1.18
N THR B 80 7.37 -12.79 -1.87
CA THR B 80 6.40 -11.92 -1.23
C THR B 80 5.26 -12.79 -0.73
N PRO B 81 4.73 -12.46 0.46
CA PRO B 81 3.62 -13.18 1.10
C PRO B 81 2.39 -13.17 0.21
N ALA B 82 2.24 -12.10 -0.56
CA ALA B 82 1.07 -11.96 -1.41
C ALA B 82 1.36 -11.13 -2.66
N ASN B 83 0.55 -11.33 -3.69
CA ASN B 83 0.70 -10.59 -4.94
C ASN B 83 0.25 -9.16 -4.71
N ILE B 84 1.13 -8.24 -5.07
CA ILE B 84 0.91 -6.81 -4.87
C ILE B 84 0.89 -5.95 -6.16
N ILE B 85 -0.22 -5.27 -6.40
CA ILE B 85 -0.28 -4.43 -7.57
C ILE B 85 0.10 -3.00 -7.19
N GLY B 86 1.22 -2.53 -7.74
CA GLY B 86 1.73 -1.18 -7.48
C GLY B 86 1.26 -0.11 -8.47
N ARG B 87 1.53 1.16 -8.15
CA ARG B 87 1.10 2.28 -8.99
C ARG B 87 1.56 2.21 -10.47
N ASN B 88 2.68 1.55 -10.74
CA ASN B 88 3.18 1.45 -12.11
C ASN B 88 2.17 0.83 -13.07
N LEU B 89 1.29 -0.05 -12.55
CA LEU B 89 0.26 -0.69 -13.36
C LEU B 89 -1.12 -0.07 -13.10
N LEU B 90 -1.35 0.37 -11.86
CA LEU B 90 -2.64 0.95 -11.52
C LEU B 90 -2.94 2.21 -12.35
N THR B 91 -1.92 3.03 -12.61
CA THR B 91 -2.13 4.22 -13.45
C THR B 91 -2.60 3.75 -14.81
N GLN B 92 -2.02 2.66 -15.29
CA GLN B 92 -2.37 2.11 -16.59
C GLN B 92 -3.83 1.66 -16.74
N ILE B 93 -4.54 1.42 -15.65
CA ILE B 93 -5.94 1.02 -15.79
C ILE B 93 -6.84 2.12 -15.26
N GLY B 94 -6.25 3.30 -15.09
CA GLY B 94 -7.00 4.46 -14.61
C GLY B 94 -7.53 4.37 -13.18
N CYS B 95 -6.81 3.62 -12.33
CA CYS B 95 -7.24 3.48 -10.96
C CYS B 95 -6.90 4.73 -10.16
N THR B 96 -7.89 5.24 -9.43
CA THR B 96 -7.71 6.44 -8.63
C THR B 96 -8.33 6.33 -7.23
N LEU B 97 -7.85 7.17 -6.33
CA LEU B 97 -8.34 7.21 -4.95
C LEU B 97 -9.39 8.32 -4.89
N ASN B 98 -10.47 8.09 -4.16
CA ASN B 98 -11.54 9.09 -4.08
C ASN B 98 -12.19 9.19 -2.70
N PHE B 99 -12.49 10.42 -2.30
CA PHE B 99 -13.14 10.68 -1.01
C PHE B 99 -13.39 12.18 -0.84
C31 3TL C . -0.36 -6.57 9.41
O8 3TL C . 0.95 -6.46 9.60
O9 3TL C . -1.42 -6.72 10.48
CA 3TL C . -0.73 -6.76 11.80
C 3TL C . -0.04 -8.17 12.01
C13 3TL C . 1.27 -8.49 11.45
C14 3TL C . 1.90 -9.74 11.66
C15 3TL C . 1.33 -10.78 12.43
C16 3TL C . 0.04 -10.56 13.02
C17 3TL C . -0.61 -9.26 12.79
N4 3TL C . -0.84 -6.53 8.14
C18 3TL C . 0.02 -6.38 6.92
C19 3TL C . 0.04 -4.86 6.39
O4 3TL C . -1.05 -4.30 6.26
C20 3TL C . -0.45 -7.32 5.81
N2 3TL C . 1.25 -4.41 6.17
C10 3TL C . 1.53 -3.08 5.69
C11 3TL C . 2.57 -3.21 4.52
O2 3TL C . 3.77 -3.65 4.65
C12 3TL C . 2.04 -2.16 6.83
CG2 3TL C . 1.06 -1.97 8.10
CG1 3TL C . 2.41 -0.85 6.19
C2 3TL C . 2.69 -1.45 1.30
O1 3TL C . 1.29 -1.04 1.25
C1 3TL C . 2.85 -2.85 2.02
N1 3TL C . 2.04 -2.80 3.32
C3 3TL C . 2.15 -3.97 1.19
C4 3TL C . 2.17 -5.46 1.71
C5 3TL C . 0.94 -6.03 1.95
C9 3TL C . 3.41 -6.12 1.90
C6 3TL C . 0.84 -7.45 2.43
C8 3TL C . 3.30 -7.53 2.39
C7 3TL C . 2.04 -8.16 2.64
C31 3TL D . 11.05 1.52 -0.45
O8 3TL D . 11.78 0.55 -0.33
O9 3TL D . 11.20 2.70 0.21
CA 3TL D . 12.32 2.77 1.15
C 3TL D . 12.96 1.64 1.98
C13 3TL D . 12.15 0.74 2.71
C14 3TL D . 12.78 -0.29 3.47
C15 3TL D . 14.18 -0.40 3.51
C16 3TL D . 14.98 0.50 2.75
C17 3TL D . 14.36 1.52 2.01
N4 3TL D . 9.99 1.53 -1.25
C18 3TL D . 9.56 0.25 -1.95
C19 3TL D . 8.16 -0.14 -1.49
O4 3TL D . 7.24 0.67 -1.67
C20 3TL D . 10.01 0.24 -3.42
N2 3TL D . 7.95 -1.34 -0.93
C10 3TL D . 6.45 -1.78 -0.84
C11 3TL D . 6.04 -1.88 0.61
O2 3TL D . 6.22 -2.89 1.32
C12 3TL D . 6.53 -3.14 -1.54
CG2 3TL D . 7.14 -2.99 -2.94
CG1 3TL D . 5.14 -3.76 -1.64
C2 3TL D . 3.43 -0.05 2.08
O1 3TL D . 3.10 0.89 1.36
C1 3TL D . 4.92 -0.42 2.28
N1 3TL D . 5.46 -0.75 1.00
C3 3TL D . 5.64 0.79 2.87
C4 3TL D . 7.05 0.60 3.42
C5 3TL D . 8.17 0.67 2.58
C9 3TL D . 7.24 0.36 4.77
C6 3TL D . 9.46 0.54 3.13
C8 3TL D . 8.50 0.23 5.31
C7 3TL D . 9.62 0.33 4.49
#